data_8Z10
#
_entry.id   8Z10
#
_cell.length_a   63.947
_cell.length_b   103.054
_cell.length_c   185.883
_cell.angle_alpha   90.00
_cell.angle_beta   90.00
_cell.angle_gamma   90.00
#
_symmetry.space_group_name_H-M   'C 2 2 21'
#
loop_
_entity.id
_entity.type
_entity.pdbx_description
1 polymer 'Catenin beta-1'
2 non-polymer PROLINE
#
_entity_poly.entity_id   1
_entity_poly.type   'polypeptide(L)'
_entity_poly.pdbx_seq_one_letter_code
;NLINYQDDAELATRAIPELTKLLNDEDQVVVNKAAVMVHQLSKKEASRHAIMRSPQMVSAIVRTMQNTNDVETARCTAGT
LHNLSHHREGLLAIFKSGGIPALVKMLGSPVDSVLFYAITTLHNLLLHQEGAKMAVRLAGGLQKMVALLNKTNVKFLAIT
TDCLQILAYGNQESKLIILASGGPQALVNIMRTYTYEKLLWTTSRVLKVLSVCSSNKPAIVEAGGMQALGLHLTDPSQRL
VQNCLWTLRNLSDAATKQEGMEGLLGTLVQLLGSDDINVVTCAAGILSNLTCNNYKNKMMVCQVGGIEALVRTVLRAGDR
EDITEPAICALRHLTSRHQEAEMAQNAVRLHYGLPVVVKLLHPPSHWPLIKATVGLIRNLALCPANHAPLREQGAIPRLV
QLLVRAHQDTQRRTSMGGTQQQFVEGVRMEEIVEGCTGALHILARDVHNRIVIRGLNTIPLFVQLLYSPIENIQRVAAGV
LCELAQDKEAAEAIEAEGATAPLTELLHSRNEGVATYAAAVLFRMSEDKPQDYKKRLSVELTSSLFRTE
;
_entity_poly.pdbx_strand_id   A
#
# COMPACT_ATOMS: atom_id res chain seq x y z
N ALA A 12 51.54 21.77 -17.65
CA ALA A 12 50.18 22.10 -17.10
C ALA A 12 49.22 22.69 -18.16
N THR A 13 49.23 24.02 -18.32
CA THR A 13 48.13 24.75 -19.01
C THR A 13 48.07 24.78 -20.55
N ARG A 14 49.16 24.45 -21.25
CA ARG A 14 49.31 24.78 -22.69
C ARG A 14 49.16 23.68 -23.77
N ALA A 15 49.86 22.54 -23.61
CA ALA A 15 50.01 21.52 -24.69
C ALA A 15 48.98 20.39 -24.66
N ILE A 16 47.91 20.55 -25.44
CA ILE A 16 46.67 19.79 -25.22
C ILE A 16 46.15 18.93 -26.40
N PRO A 17 45.58 19.57 -27.46
CA PRO A 17 44.85 18.83 -28.51
C PRO A 17 45.76 18.01 -29.43
N GLU A 18 47.02 17.84 -29.02
CA GLU A 18 47.90 16.86 -29.62
C GLU A 18 47.26 15.49 -29.39
N LEU A 19 46.93 15.22 -28.12
CA LEU A 19 46.46 13.90 -27.68
C LEU A 19 45.10 13.48 -28.25
N THR A 20 44.29 14.46 -28.64
CA THR A 20 43.01 14.22 -29.32
C THR A 20 43.23 13.42 -30.59
N LYS A 21 43.92 14.06 -31.56
CA LYS A 21 44.07 13.55 -32.92
C LYS A 21 44.24 12.04 -32.95
N LEU A 22 45.08 11.55 -32.04
CA LEU A 22 45.46 10.21 -31.86
C LEU A 22 44.33 9.25 -31.41
N LEU A 23 43.47 9.78 -30.55
CA LEU A 23 42.31 9.02 -30.06
C LEU A 23 41.28 8.89 -31.19
N ASN A 24 41.05 10.01 -31.89
CA ASN A 24 40.12 10.07 -33.03
C ASN A 24 40.62 9.32 -34.26
N ASP A 25 41.80 8.71 -34.15
CA ASP A 25 42.42 7.88 -35.18
C ASP A 25 41.67 6.54 -35.40
N GLU A 26 41.90 5.91 -36.55
CA GLU A 26 41.27 4.68 -36.84
C GLU A 26 42.26 3.40 -36.87
N ASP A 27 42.96 3.23 -35.75
CA ASP A 27 44.02 2.20 -35.63
C ASP A 27 44.11 1.53 -34.22
N GLN A 28 44.48 0.24 -34.20
CA GLN A 28 44.45 -0.63 -33.00
C GLN A 28 45.15 -0.11 -31.73
N VAL A 29 46.47 0.00 -31.77
CA VAL A 29 47.24 0.49 -30.63
C VAL A 29 47.25 2.03 -30.55
N VAL A 30 47.07 2.71 -31.68
CA VAL A 30 47.27 4.17 -31.78
C VAL A 30 46.35 5.00 -30.87
N VAL A 31 45.04 4.79 -31.01
CA VAL A 31 44.02 5.49 -30.21
C VAL A 31 44.02 5.00 -28.77
N ASN A 32 44.24 3.69 -28.61
CA ASN A 32 44.26 3.00 -27.33
C ASN A 32 45.26 3.57 -26.33
N LYS A 33 46.54 3.50 -26.66
CA LYS A 33 47.57 4.00 -25.78
C LYS A 33 47.47 5.52 -25.63
N ALA A 34 46.80 6.18 -26.57
CA ALA A 34 46.54 7.62 -26.48
C ALA A 34 45.45 7.86 -25.43
N ALA A 35 44.59 6.86 -25.23
CA ALA A 35 43.55 6.93 -24.20
C ALA A 35 44.17 6.95 -22.82
N VAL A 36 45.11 6.02 -22.59
CA VAL A 36 45.82 5.87 -21.30
C VAL A 36 46.65 7.12 -20.95
N MET A 37 46.22 8.28 -21.44
CA MET A 37 46.98 9.57 -21.20
C MET A 37 46.07 10.58 -20.70
N VAL A 38 44.98 10.88 -21.41
CA VAL A 38 43.95 11.81 -20.93
C VAL A 38 43.46 11.31 -19.58
N HIS A 39 43.44 9.98 -19.45
CA HIS A 39 43.13 9.31 -18.18
C HIS A 39 44.07 9.82 -17.12
N GLN A 40 45.37 9.70 -17.37
CA GLN A 40 46.37 10.22 -16.47
C GLN A 40 46.10 11.70 -16.20
N LEU A 41 45.94 12.56 -17.19
CA LEU A 41 45.74 14.01 -17.09
C LEU A 41 44.46 14.41 -16.33
N SER A 42 43.41 13.53 -16.53
CA SER A 42 42.12 13.78 -15.88
C SER A 42 42.20 13.60 -14.38
N LYS A 43 43.13 12.73 -13.93
CA LYS A 43 43.37 12.44 -12.50
C LYS A 43 43.85 13.64 -11.67
N LYS A 44 44.48 14.62 -12.31
CA LYS A 44 44.94 15.84 -11.63
C LYS A 44 43.86 16.94 -11.64
N GLU A 45 43.18 17.09 -10.51
CA GLU A 45 41.96 17.93 -10.31
C GLU A 45 41.93 19.32 -10.98
N ALA A 46 43.09 19.98 -11.05
CA ALA A 46 43.20 21.27 -11.74
C ALA A 46 43.56 21.08 -13.23
N SER A 47 44.15 20.01 -13.50
CA SER A 47 44.38 19.66 -14.92
C SER A 47 43.08 19.20 -15.59
N ARG A 48 42.24 18.40 -14.91
CA ARG A 48 40.87 18.09 -15.34
C ARG A 48 39.99 19.35 -15.48
N HIS A 49 40.00 20.23 -14.47
CA HIS A 49 39.20 21.49 -14.45
C HIS A 49 39.43 22.41 -15.63
N ALA A 50 40.33 21.97 -16.52
CA ALA A 50 40.68 22.70 -17.73
C ALA A 50 40.56 21.84 -19.01
N ILE A 51 40.77 20.51 -18.87
CA ILE A 51 40.66 19.53 -19.97
C ILE A 51 39.32 19.63 -20.72
N MET A 52 38.23 19.48 -19.97
CA MET A 52 36.91 19.73 -20.50
C MET A 52 36.78 21.23 -20.80
N ARG A 53 36.98 21.56 -22.08
CA ARG A 53 36.75 22.89 -22.61
C ARG A 53 36.75 22.71 -24.10
N SER A 54 37.48 21.70 -24.57
CA SER A 54 37.50 21.36 -25.99
C SER A 54 36.50 20.25 -26.30
N PRO A 55 35.32 20.64 -26.85
CA PRO A 55 34.33 19.71 -27.38
C PRO A 55 34.80 18.69 -28.44
N GLN A 56 35.88 18.98 -29.17
CA GLN A 56 36.47 17.97 -30.07
C GLN A 56 37.20 16.90 -29.23
N MET A 57 37.76 17.33 -28.09
CA MET A 57 38.46 16.45 -27.16
C MET A 57 37.45 15.57 -26.44
N VAL A 58 36.47 16.24 -25.83
CA VAL A 58 35.32 15.57 -25.19
C VAL A 58 34.72 14.46 -26.08
N SER A 59 34.46 14.77 -27.34
CA SER A 59 33.75 13.86 -28.25
C SER A 59 34.57 12.69 -28.75
N ALA A 60 35.90 12.84 -28.73
CA ALA A 60 36.77 11.76 -29.12
C ALA A 60 36.65 10.63 -28.09
N ILE A 61 36.68 11.04 -26.82
CA ILE A 61 36.50 10.15 -25.67
C ILE A 61 35.25 9.29 -25.83
N VAL A 62 34.12 9.96 -26.05
CA VAL A 62 32.83 9.31 -26.31
C VAL A 62 32.89 8.26 -27.45
N ARG A 63 33.37 8.69 -28.63
CA ARG A 63 33.35 7.82 -29.83
C ARG A 63 34.09 6.53 -29.55
N THR A 64 35.37 6.68 -29.25
CA THR A 64 36.25 5.54 -29.07
C THR A 64 35.69 4.63 -27.98
N MET A 65 35.03 5.23 -26.97
CA MET A 65 34.28 4.46 -25.98
C MET A 65 33.23 3.54 -26.64
N GLN A 66 32.29 4.12 -27.42
CA GLN A 66 31.23 3.32 -28.10
C GLN A 66 31.83 2.29 -29.05
N ASN A 67 32.84 2.69 -29.82
CA ASN A 67 33.54 1.77 -30.72
C ASN A 67 34.98 1.54 -30.31
N THR A 68 35.19 0.50 -29.52
CA THR A 68 36.52 -0.01 -29.21
C THR A 68 36.45 -1.53 -28.97
N ASN A 69 37.58 -2.08 -28.53
CA ASN A 69 37.71 -3.51 -28.28
C ASN A 69 38.59 -3.72 -27.05
N ASP A 70 39.16 -2.63 -26.55
CA ASP A 70 40.14 -2.81 -25.51
C ASP A 70 39.62 -2.53 -24.10
N VAL A 71 39.87 -3.51 -23.24
CA VAL A 71 39.58 -3.46 -21.80
C VAL A 71 40.32 -2.32 -21.09
N GLU A 72 41.58 -2.06 -21.46
CA GLU A 72 42.31 -0.90 -20.92
C GLU A 72 41.84 0.41 -21.55
N THR A 73 41.37 0.31 -22.81
CA THR A 73 40.84 1.45 -23.58
C THR A 73 39.56 1.95 -22.93
N ALA A 74 38.56 1.08 -22.87
CA ALA A 74 37.28 1.39 -22.23
C ALA A 74 37.49 1.96 -20.81
N ARG A 75 38.10 1.16 -19.95
CA ARG A 75 38.37 1.54 -18.57
C ARG A 75 38.73 3.01 -18.54
N CYS A 76 39.70 3.40 -19.37
CA CYS A 76 40.30 4.73 -19.32
C CYS A 76 39.36 5.84 -19.80
N THR A 77 38.60 5.55 -20.83
CA THR A 77 37.65 6.53 -21.38
C THR A 77 36.46 6.74 -20.42
N ALA A 78 35.93 5.64 -19.90
CA ALA A 78 34.92 5.71 -18.85
C ALA A 78 35.44 6.50 -17.63
N GLY A 79 36.55 6.02 -17.08
CA GLY A 79 37.20 6.64 -15.92
C GLY A 79 37.38 8.12 -16.15
N THR A 80 37.68 8.47 -17.39
CA THR A 80 37.90 9.86 -17.73
C THR A 80 36.63 10.63 -17.51
N LEU A 81 35.56 10.09 -18.09
CA LEU A 81 34.23 10.68 -17.91
C LEU A 81 33.80 10.66 -16.46
N HIS A 82 34.05 9.54 -15.78
CA HIS A 82 33.82 9.45 -14.33
C HIS A 82 34.42 10.65 -13.73
N ASN A 83 35.75 10.72 -13.81
CA ASN A 83 36.49 11.82 -13.21
C ASN A 83 35.96 13.20 -13.62
N LEU A 84 35.60 13.36 -14.90
CA LEU A 84 34.99 14.63 -15.35
C LEU A 84 33.64 14.99 -14.73
N SER A 85 32.86 13.98 -14.34
CA SER A 85 31.48 14.19 -13.91
C SER A 85 31.43 14.79 -12.51
N HIS A 86 32.50 15.44 -12.11
CA HIS A 86 32.52 15.99 -10.77
C HIS A 86 32.35 17.46 -10.79
N HIS A 87 32.53 18.06 -11.96
CA HIS A 87 32.30 19.50 -12.07
C HIS A 87 31.05 19.79 -12.83
N ARG A 88 30.26 20.72 -12.30
CA ARG A 88 29.03 21.14 -12.95
C ARG A 88 29.37 21.79 -14.28
N GLU A 89 30.66 21.78 -14.63
CA GLU A 89 31.15 22.13 -15.96
C GLU A 89 31.45 20.85 -16.74
N GLY A 90 32.03 19.85 -16.07
CA GLY A 90 32.20 18.51 -16.65
C GLY A 90 30.86 17.92 -17.08
N LEU A 91 29.86 18.04 -16.20
CA LEU A 91 28.53 17.53 -16.48
C LEU A 91 27.93 18.17 -17.73
N LEU A 92 27.84 19.51 -17.68
CA LEU A 92 27.45 20.32 -18.85
C LEU A 92 28.18 19.92 -20.12
N ALA A 93 29.45 19.57 -19.99
CA ALA A 93 30.20 19.20 -21.17
C ALA A 93 29.76 17.83 -21.64
N ILE A 94 29.80 16.83 -20.74
CA ILE A 94 29.36 15.47 -21.12
C ILE A 94 27.97 15.54 -21.77
N PHE A 95 27.07 16.33 -21.19
CA PHE A 95 25.72 16.46 -21.73
C PHE A 95 25.74 17.05 -23.14
N LYS A 96 26.28 18.26 -23.28
CA LYS A 96 26.33 18.97 -24.59
C LYS A 96 26.95 18.09 -25.71
N SER A 97 27.94 17.26 -25.33
CA SER A 97 28.62 16.32 -26.23
C SER A 97 27.80 15.13 -26.73
N GLY A 98 26.91 14.59 -25.89
CA GLY A 98 26.18 13.34 -26.21
C GLY A 98 26.72 12.09 -25.53
N GLY A 99 27.16 12.22 -24.28
CA GLY A 99 27.69 11.05 -23.56
C GLY A 99 26.65 9.99 -23.22
N ILE A 100 25.40 10.45 -23.05
CA ILE A 100 24.40 9.63 -22.38
C ILE A 100 24.13 8.36 -23.18
N PRO A 101 23.81 8.49 -24.49
CA PRO A 101 23.64 7.28 -25.31
C PRO A 101 24.86 6.38 -25.31
N ALA A 102 26.07 6.94 -25.33
CA ALA A 102 27.23 6.05 -25.24
C ALA A 102 27.32 5.43 -23.85
N LEU A 103 27.32 6.26 -22.80
CA LEU A 103 27.30 5.71 -21.42
C LEU A 103 26.29 4.61 -21.26
N VAL A 104 25.08 4.86 -21.72
CA VAL A 104 24.04 3.85 -21.60
C VAL A 104 24.45 2.60 -22.36
N LYS A 105 24.92 2.81 -23.58
CA LYS A 105 25.32 1.72 -24.47
C LYS A 105 26.40 0.92 -23.78
N MET A 106 27.17 1.59 -22.94
CA MET A 106 28.20 0.90 -22.17
C MET A 106 27.66 0.01 -21.04
N LEU A 107 26.36 0.07 -20.76
CA LEU A 107 25.77 -0.76 -19.69
C LEU A 107 25.58 -2.21 -20.12
N GLY A 108 26.03 -2.53 -21.33
CA GLY A 108 25.98 -3.91 -21.86
C GLY A 108 27.33 -4.62 -21.77
N SER A 109 28.39 -3.85 -21.52
CA SER A 109 29.76 -4.32 -21.31
C SER A 109 29.83 -5.45 -20.28
N PRO A 110 30.80 -6.38 -20.43
CA PRO A 110 30.91 -7.41 -19.40
C PRO A 110 32.05 -7.13 -18.40
N VAL A 111 32.74 -6.00 -18.57
CA VAL A 111 33.84 -5.68 -17.68
C VAL A 111 33.47 -4.77 -16.50
N ASP A 112 33.36 -5.41 -15.34
CA ASP A 112 32.96 -4.75 -14.12
C ASP A 112 33.34 -3.29 -14.02
N SER A 113 34.63 -2.98 -14.09
CA SER A 113 35.11 -1.62 -13.80
C SER A 113 34.55 -0.58 -14.75
N VAL A 114 34.08 -1.06 -15.91
CA VAL A 114 33.47 -0.19 -16.94
C VAL A 114 32.02 0.10 -16.61
N LEU A 115 31.27 -0.96 -16.32
CA LEU A 115 29.94 -0.80 -15.75
C LEU A 115 29.99 0.25 -14.64
N PHE A 116 30.93 0.07 -13.71
CA PHE A 116 31.01 0.87 -12.50
C PHE A 116 31.17 2.31 -12.93
N TYR A 117 32.10 2.58 -13.83
CA TYR A 117 32.34 3.98 -14.22
C TYR A 117 31.12 4.58 -14.93
N ALA A 118 30.44 3.74 -15.70
CA ALA A 118 29.33 4.23 -16.52
C ALA A 118 28.18 4.62 -15.62
N ILE A 119 27.76 3.65 -14.79
CA ILE A 119 26.67 3.86 -13.88
C ILE A 119 26.89 5.11 -13.04
N THR A 120 28.11 5.32 -12.54
CA THR A 120 28.27 6.43 -11.59
C THR A 120 28.17 7.75 -12.34
N THR A 121 28.70 7.77 -13.56
CA THR A 121 28.66 9.00 -14.38
C THR A 121 27.21 9.39 -14.70
N LEU A 122 26.46 8.43 -15.23
CA LEU A 122 25.02 8.58 -15.39
C LEU A 122 24.38 8.99 -14.05
N HIS A 123 24.70 8.31 -12.97
CA HIS A 123 24.18 8.72 -11.67
C HIS A 123 24.44 10.19 -11.39
N ASN A 124 25.65 10.68 -11.70
CA ASN A 124 25.99 12.08 -11.37
C ASN A 124 25.23 13.03 -12.24
N LEU A 125 25.09 12.64 -13.51
CA LEU A 125 24.29 13.39 -14.50
C LEU A 125 22.83 13.45 -14.11
N LEU A 126 22.33 12.29 -13.68
CA LEU A 126 20.93 12.19 -13.24
C LEU A 126 20.65 13.08 -12.04
N LEU A 127 21.65 13.23 -11.18
CA LEU A 127 21.53 14.05 -9.96
C LEU A 127 21.62 15.58 -10.19
N HIS A 128 22.54 16.03 -11.05
CA HIS A 128 22.88 17.46 -11.10
C HIS A 128 22.71 18.17 -12.41
N GLN A 129 22.58 17.38 -13.48
CA GLN A 129 22.48 17.91 -14.83
C GLN A 129 21.07 18.03 -15.36
N GLU A 130 20.72 19.28 -15.65
CA GLU A 130 19.54 19.70 -16.40
C GLU A 130 19.34 18.89 -17.69
N GLY A 131 18.18 18.25 -17.78
CA GLY A 131 17.81 17.44 -18.96
C GLY A 131 18.28 15.99 -19.00
N ALA A 132 18.88 15.48 -17.93
CA ALA A 132 19.52 14.14 -18.02
C ALA A 132 18.51 12.99 -17.99
N LYS A 133 17.51 13.13 -17.12
CA LYS A 133 16.47 12.10 -16.96
C LYS A 133 15.80 11.72 -18.29
N MET A 134 15.38 12.74 -19.03
CA MET A 134 14.83 12.53 -20.36
C MET A 134 15.78 11.75 -21.29
N ALA A 135 17.05 12.17 -21.41
CA ALA A 135 18.01 11.55 -22.34
C ALA A 135 18.39 10.12 -22.00
N VAL A 136 18.40 9.78 -20.71
CA VAL A 136 18.67 8.37 -20.35
C VAL A 136 17.48 7.50 -20.79
N ARG A 137 16.26 7.96 -20.52
CA ARG A 137 15.09 7.20 -20.94
C ARG A 137 15.17 7.00 -22.45
N LEU A 138 15.32 8.11 -23.20
CA LEU A 138 15.48 8.05 -24.69
C LEU A 138 16.55 7.09 -25.20
N ALA A 139 17.69 7.02 -24.52
CA ALA A 139 18.72 6.02 -24.86
C ALA A 139 18.40 4.57 -24.49
N GLY A 140 17.29 4.33 -23.78
CA GLY A 140 16.96 2.93 -23.46
C GLY A 140 17.64 2.53 -22.16
N GLY A 141 17.94 3.50 -21.30
CA GLY A 141 18.72 3.27 -20.06
C GLY A 141 17.99 2.50 -18.96
N LEU A 142 16.67 2.67 -18.92
CA LEU A 142 15.85 1.93 -18.00
C LEU A 142 16.04 0.45 -18.19
N GLN A 143 15.91 -0.03 -19.43
CA GLN A 143 16.05 -1.48 -19.72
C GLN A 143 17.43 -1.95 -19.42
N LYS A 144 18.43 -1.15 -19.77
CA LYS A 144 19.78 -1.60 -19.47
C LYS A 144 20.02 -1.69 -17.97
N MET A 145 19.55 -0.68 -17.23
CA MET A 145 19.65 -0.67 -15.76
C MET A 145 18.91 -1.84 -15.10
N VAL A 146 17.73 -2.21 -15.58
CA VAL A 146 17.05 -3.33 -14.97
C VAL A 146 17.84 -4.61 -15.11
N ALA A 147 18.46 -4.76 -16.28
CA ALA A 147 19.16 -6.04 -16.62
C ALA A 147 20.44 -6.19 -15.78
N LEU A 148 20.96 -5.06 -15.33
CA LEU A 148 22.11 -5.02 -14.43
C LEU A 148 21.79 -5.42 -12.98
N LEU A 149 20.53 -5.72 -12.68
CA LEU A 149 20.10 -5.96 -11.28
C LEU A 149 20.47 -7.34 -10.76
N ASN A 150 20.95 -8.17 -11.66
CA ASN A 150 21.37 -9.50 -11.28
C ASN A 150 22.84 -9.55 -10.79
N LYS A 151 23.53 -8.41 -10.86
CA LYS A 151 24.90 -8.32 -10.34
C LYS A 151 24.94 -8.43 -8.82
N THR A 152 26.13 -8.36 -8.24
CA THR A 152 26.35 -8.79 -6.86
C THR A 152 27.22 -7.85 -6.00
N ASN A 153 27.81 -6.85 -6.64
CA ASN A 153 28.53 -5.86 -5.91
C ASN A 153 27.59 -4.76 -5.36
N VAL A 154 27.57 -4.62 -4.03
CA VAL A 154 26.49 -3.84 -3.43
C VAL A 154 26.55 -2.35 -3.65
N LYS A 155 27.75 -1.80 -3.80
CA LYS A 155 27.88 -0.37 -3.99
C LYS A 155 27.30 -0.08 -5.37
N PHE A 156 27.48 -1.05 -6.25
CA PHE A 156 27.12 -0.93 -7.63
C PHE A 156 25.60 -0.98 -7.78
N LEU A 157 24.97 -1.97 -7.16
CA LEU A 157 23.53 -2.08 -7.19
C LEU A 157 22.86 -0.89 -6.49
N ALA A 158 23.52 -0.34 -5.48
CA ALA A 158 22.99 0.80 -4.75
C ALA A 158 22.79 1.95 -5.69
N ILE A 159 23.81 2.17 -6.51
CA ILE A 159 23.82 3.25 -7.44
C ILE A 159 22.85 2.98 -8.57
N THR A 160 22.71 1.71 -8.94
CA THR A 160 21.81 1.35 -10.05
C THR A 160 20.32 1.53 -9.67
N THR A 161 19.96 0.96 -8.52
CA THR A 161 18.66 1.17 -8.00
C THR A 161 18.35 2.65 -7.73
N ASP A 162 19.34 3.47 -7.41
CA ASP A 162 19.05 4.90 -7.19
C ASP A 162 18.74 5.68 -8.48
N CYS A 163 19.48 5.31 -9.53
CA CYS A 163 19.18 5.73 -10.91
C CYS A 163 17.74 5.42 -11.27
N LEU A 164 17.32 4.17 -11.02
CA LEU A 164 15.95 3.76 -11.33
C LEU A 164 14.93 4.54 -10.53
N GLN A 165 15.25 4.82 -9.28
CA GLN A 165 14.35 5.55 -8.41
C GLN A 165 14.16 6.94 -8.98
N ILE A 166 15.26 7.53 -9.41
CA ILE A 166 15.25 8.87 -9.93
C ILE A 166 14.50 8.91 -11.26
N LEU A 167 14.63 7.87 -12.07
CA LEU A 167 13.95 7.84 -13.33
C LEU A 167 12.46 7.54 -13.16
N ALA A 168 12.11 6.68 -12.21
CA ALA A 168 10.69 6.22 -12.11
C ALA A 168 9.79 7.24 -11.41
N TYR A 169 10.39 7.95 -10.48
CA TYR A 169 9.67 8.88 -9.65
C TYR A 169 8.91 9.88 -10.54
N GLY A 170 7.59 9.90 -10.41
CA GLY A 170 6.71 10.84 -11.07
C GLY A 170 6.62 10.62 -12.56
N ASN A 171 6.79 9.39 -13.00
CA ASN A 171 6.90 9.15 -14.44
C ASN A 171 6.35 7.80 -14.77
N GLN A 172 5.04 7.76 -15.05
CA GLN A 172 4.32 6.50 -15.25
C GLN A 172 4.90 5.70 -16.39
N GLU A 173 5.32 6.38 -17.44
CA GLU A 173 6.01 5.78 -18.59
C GLU A 173 7.23 4.95 -18.16
N SER A 174 8.08 5.52 -17.28
CA SER A 174 9.23 4.80 -16.79
C SER A 174 8.80 3.64 -15.88
N LYS A 175 7.75 3.83 -15.10
CA LYS A 175 7.34 2.73 -14.20
C LYS A 175 6.95 1.49 -15.02
N LEU A 176 6.27 1.70 -16.13
CA LEU A 176 5.69 0.65 -16.93
C LEU A 176 6.81 -0.08 -17.73
N ILE A 177 7.81 0.68 -18.14
CA ILE A 177 8.96 0.09 -18.79
C ILE A 177 9.73 -0.74 -17.79
N ILE A 178 9.87 -0.23 -16.56
CA ILE A 178 10.49 -1.03 -15.54
C ILE A 178 9.76 -2.35 -15.36
N LEU A 179 8.43 -2.31 -15.32
CA LEU A 179 7.60 -3.52 -15.27
C LEU A 179 7.92 -4.49 -16.41
N ALA A 180 7.83 -3.99 -17.63
CA ALA A 180 8.06 -4.82 -18.81
C ALA A 180 9.48 -5.43 -18.85
N SER A 181 10.50 -4.75 -18.29
CA SER A 181 11.85 -5.35 -18.18
C SER A 181 12.06 -6.31 -17.01
N GLY A 182 10.98 -6.66 -16.29
CA GLY A 182 11.11 -7.56 -15.14
C GLY A 182 11.71 -6.88 -13.90
N GLY A 183 11.57 -5.56 -13.76
CA GLY A 183 12.03 -4.91 -12.53
C GLY A 183 11.50 -5.53 -11.21
N PRO A 184 10.17 -5.79 -11.13
CA PRO A 184 9.60 -6.26 -9.86
C PRO A 184 10.36 -7.43 -9.26
N GLN A 185 10.52 -8.50 -10.04
CA GLN A 185 11.27 -9.70 -9.60
C GLN A 185 12.68 -9.35 -9.22
N ALA A 186 13.37 -8.59 -10.08
CA ALA A 186 14.76 -8.30 -9.81
C ALA A 186 14.90 -7.43 -8.55
N LEU A 187 13.96 -6.51 -8.31
CA LEU A 187 14.10 -5.67 -7.12
C LEU A 187 13.76 -6.44 -5.86
N VAL A 188 12.83 -7.37 -5.96
CA VAL A 188 12.44 -8.17 -4.82
C VAL A 188 13.61 -9.13 -4.47
N ASN A 189 14.23 -9.76 -5.47
CA ASN A 189 15.38 -10.64 -5.18
C ASN A 189 16.40 -9.88 -4.34
N ILE A 190 16.74 -8.66 -4.77
CA ILE A 190 17.58 -7.81 -3.96
C ILE A 190 17.11 -7.72 -2.49
N MET A 191 15.84 -7.45 -2.23
CA MET A 191 15.33 -7.25 -0.86
C MET A 191 15.51 -8.48 0.00
N ARG A 192 15.49 -9.66 -0.60
CA ARG A 192 15.57 -10.89 0.19
C ARG A 192 16.92 -11.57 0.09
N THR A 193 17.87 -10.91 -0.55
CA THR A 193 19.24 -11.42 -0.68
C THR A 193 20.24 -10.64 0.18
N TYR A 194 20.19 -9.31 0.14
CA TYR A 194 21.28 -8.47 0.69
C TYR A 194 20.99 -7.89 2.04
N THR A 195 22.00 -7.33 2.70
CA THR A 195 21.78 -6.84 4.09
C THR A 195 22.29 -5.44 4.19
N TYR A 196 22.86 -4.98 3.11
CA TYR A 196 23.47 -3.69 3.09
C TYR A 196 22.40 -2.56 3.07
N GLU A 197 22.24 -1.90 4.21
CA GLU A 197 21.19 -0.93 4.43
C GLU A 197 20.98 0.04 3.27
N LYS A 198 22.07 0.64 2.82
CA LYS A 198 22.01 1.68 1.78
C LYS A 198 21.32 1.18 0.53
N LEU A 199 21.64 -0.05 0.12
CA LEU A 199 20.99 -0.66 -1.04
C LEU A 199 19.56 -1.13 -0.77
N LEU A 200 19.31 -1.73 0.39
CA LEU A 200 17.92 -2.05 0.79
C LEU A 200 17.03 -0.80 0.79
N TRP A 201 17.56 0.30 1.27
CA TRP A 201 16.79 1.47 1.39
C TRP A 201 16.42 2.04 0.04
N THR A 202 17.37 2.06 -0.90
CA THR A 202 17.10 2.68 -2.20
C THR A 202 16.19 1.77 -3.04
N THR A 203 16.35 0.47 -2.88
CA THR A 203 15.53 -0.52 -3.56
C THR A 203 14.14 -0.40 -3.04
N SER A 204 14.01 -0.23 -1.73
CA SER A 204 12.68 -0.14 -1.18
C SER A 204 11.95 1.11 -1.65
N ARG A 205 12.72 2.18 -1.94
CA ARG A 205 12.18 3.38 -2.55
C ARG A 205 11.74 3.23 -4.00
N VAL A 206 12.48 2.47 -4.79
CA VAL A 206 12.01 2.11 -6.10
C VAL A 206 10.72 1.32 -5.94
N LEU A 207 10.70 0.36 -5.03
CA LEU A 207 9.50 -0.41 -4.91
C LEU A 207 8.32 0.47 -4.44
N LYS A 208 8.61 1.46 -3.62
CA LYS A 208 7.54 2.33 -3.12
C LYS A 208 6.96 3.12 -4.27
N VAL A 209 7.81 3.78 -5.04
CA VAL A 209 7.41 4.42 -6.29
C VAL A 209 6.62 3.48 -7.23
N LEU A 210 6.98 2.19 -7.32
CA LEU A 210 6.23 1.28 -8.22
C LEU A 210 4.95 0.78 -7.61
N SER A 211 4.85 0.81 -6.29
CA SER A 211 3.72 0.21 -5.62
C SER A 211 2.42 1.04 -5.83
N VAL A 212 2.53 2.29 -6.30
CA VAL A 212 1.32 3.05 -6.57
C VAL A 212 0.77 2.86 -7.98
N CYS A 213 1.47 2.06 -8.80
CA CYS A 213 1.08 1.80 -10.17
C CYS A 213 0.24 0.54 -10.21
N SER A 214 -0.95 0.66 -10.79
CA SER A 214 -1.95 -0.43 -10.88
C SER A 214 -1.44 -1.66 -11.54
N SER A 215 -0.46 -1.53 -12.44
CA SER A 215 0.14 -2.72 -13.05
C SER A 215 1.36 -3.28 -12.31
N ASN A 216 2.21 -2.40 -11.82
CA ASN A 216 3.35 -2.86 -11.06
C ASN A 216 2.95 -3.65 -9.80
N LYS A 217 1.92 -3.16 -9.11
CA LYS A 217 1.51 -3.68 -7.81
C LYS A 217 1.24 -5.18 -7.77
N PRO A 218 0.37 -5.70 -8.65
CA PRO A 218 0.22 -7.19 -8.63
C PRO A 218 1.52 -7.91 -9.00
N ALA A 219 2.28 -7.34 -9.96
CA ALA A 219 3.57 -7.93 -10.38
C ALA A 219 4.51 -8.04 -9.18
N ILE A 220 4.58 -6.97 -8.37
CA ILE A 220 5.40 -6.99 -7.17
C ILE A 220 4.89 -7.99 -6.16
N VAL A 221 3.58 -8.06 -5.99
CA VAL A 221 2.97 -9.02 -5.05
C VAL A 221 3.25 -10.48 -5.48
N GLU A 222 3.00 -10.78 -6.77
CA GLU A 222 3.38 -12.11 -7.37
C GLU A 222 4.86 -12.49 -7.28
N ALA A 223 5.79 -11.53 -7.34
CA ALA A 223 7.22 -11.84 -7.12
C ALA A 223 7.57 -12.20 -5.64
N GLY A 224 6.60 -12.11 -4.71
CA GLY A 224 6.92 -12.38 -3.29
C GLY A 224 7.34 -11.12 -2.55
N GLY A 225 6.91 -9.96 -3.07
CA GLY A 225 7.16 -8.63 -2.44
C GLY A 225 6.82 -8.43 -0.98
N MET A 226 5.64 -8.92 -0.59
CA MET A 226 5.13 -8.73 0.76
C MET A 226 6.08 -9.37 1.75
N GLN A 227 6.36 -10.64 1.51
CA GLN A 227 7.33 -11.43 2.32
C GLN A 227 8.71 -10.83 2.28
N ALA A 228 9.20 -10.42 1.11
CA ALA A 228 10.57 -9.87 1.06
C ALA A 228 10.62 -8.59 1.86
N LEU A 229 9.65 -7.68 1.66
CA LEU A 229 9.59 -6.49 2.50
C LEU A 229 9.44 -6.85 3.98
N GLY A 230 8.76 -7.95 4.27
CA GLY A 230 8.56 -8.36 5.68
C GLY A 230 9.82 -8.58 6.50
N LEU A 231 10.77 -9.23 5.84
CA LEU A 231 12.12 -9.47 6.35
C LEU A 231 12.82 -8.32 7.03
N HIS A 232 12.58 -7.09 6.56
CA HIS A 232 13.27 -5.89 7.09
C HIS A 232 12.56 -5.01 8.09
N LEU A 233 11.38 -5.43 8.53
CA LEU A 233 10.62 -4.61 9.48
C LEU A 233 11.25 -4.50 10.88
N THR A 234 12.24 -5.31 11.22
CA THR A 234 12.96 -5.14 12.50
C THR A 234 14.37 -4.57 12.34
N ASP A 235 14.65 -3.92 11.21
CA ASP A 235 15.98 -3.38 11.01
C ASP A 235 16.18 -2.15 11.90
N PRO A 236 17.38 -2.00 12.48
CA PRO A 236 17.69 -0.75 13.20
C PRO A 236 17.43 0.52 12.39
N SER A 237 17.56 0.47 11.08
CA SER A 237 17.29 1.67 10.24
C SER A 237 15.79 1.96 10.11
N GLN A 238 15.42 3.12 10.61
CA GLN A 238 14.10 3.64 10.72
C GLN A 238 13.60 4.02 9.33
N ARG A 239 14.50 4.50 8.48
CA ARG A 239 14.09 4.90 7.17
C ARG A 239 13.84 3.67 6.32
N LEU A 240 14.48 2.55 6.66
CA LEU A 240 14.29 1.36 5.87
C LEU A 240 12.97 0.72 6.26
N VAL A 241 12.70 0.64 7.55
CA VAL A 241 11.46 0.09 8.08
C VAL A 241 10.25 0.85 7.59
N GLN A 242 10.31 2.17 7.71
CA GLN A 242 9.21 3.03 7.25
C GLN A 242 8.93 2.85 5.76
N ASN A 243 9.98 2.83 4.94
CA ASN A 243 9.77 2.64 3.50
C ASN A 243 9.18 1.32 3.18
N CYS A 244 9.57 0.30 3.93
CA CYS A 244 8.96 -1.00 3.77
C CYS A 244 7.50 -0.96 4.16
N LEU A 245 7.18 -0.27 5.26
CA LEU A 245 5.79 -0.15 5.76
C LEU A 245 4.90 0.54 4.70
N TRP A 246 5.34 1.66 4.15
CA TRP A 246 4.55 2.34 3.11
C TRP A 246 4.30 1.48 1.88
N THR A 247 5.35 0.79 1.40
CA THR A 247 5.23 -0.04 0.21
C THR A 247 4.26 -1.15 0.54
N LEU A 248 4.41 -1.72 1.73
CA LEU A 248 3.59 -2.86 2.09
C LEU A 248 2.15 -2.42 2.07
N ARG A 249 1.91 -1.23 2.62
CA ARG A 249 0.58 -0.71 2.68
C ARG A 249 -0.01 -0.52 1.30
N ASN A 250 0.73 0.11 0.41
CA ASN A 250 0.21 0.37 -0.92
C ASN A 250 -0.14 -0.93 -1.59
N LEU A 251 0.63 -1.96 -1.28
CA LEU A 251 0.48 -3.21 -1.98
C LEU A 251 -0.58 -4.14 -1.39
N SER A 252 -0.87 -3.98 -0.11
CA SER A 252 -1.57 -4.97 0.62
C SER A 252 -3.01 -5.25 0.14
N ASP A 253 -3.68 -4.32 -0.51
CA ASP A 253 -4.98 -4.70 -1.04
C ASP A 253 -4.89 -5.77 -2.15
N ALA A 254 -3.68 -5.98 -2.68
CA ALA A 254 -3.54 -6.89 -3.82
C ALA A 254 -2.94 -8.21 -3.38
N ALA A 255 -2.83 -8.39 -2.07
CA ALA A 255 -2.01 -9.47 -1.54
C ALA A 255 -2.82 -10.53 -0.83
N THR A 256 -4.12 -10.54 -1.07
CA THR A 256 -5.10 -11.41 -0.37
C THR A 256 -4.93 -12.89 -0.54
N LYS A 257 -4.30 -13.31 -1.63
CA LYS A 257 -4.18 -14.71 -1.98
C LYS A 257 -2.82 -15.27 -1.56
N GLN A 258 -1.93 -14.40 -1.09
CA GLN A 258 -0.57 -14.77 -0.76
C GLN A 258 -0.48 -15.63 0.47
N GLU A 259 0.46 -16.59 0.44
CA GLU A 259 0.71 -17.52 1.52
C GLU A 259 2.12 -17.26 1.97
N GLY A 260 2.58 -17.98 2.98
CA GLY A 260 3.85 -17.64 3.63
C GLY A 260 3.86 -16.31 4.42
N MET A 261 2.67 -15.87 4.84
CA MET A 261 2.49 -14.56 5.43
C MET A 261 2.66 -14.55 6.94
N GLU A 262 2.88 -15.71 7.56
CA GLU A 262 2.96 -15.80 9.03
C GLU A 262 3.94 -14.84 9.71
N GLY A 263 5.15 -14.66 9.17
CA GLY A 263 6.17 -13.88 9.86
C GLY A 263 5.82 -12.40 9.78
N LEU A 264 5.37 -12.01 8.61
CA LEU A 264 4.97 -10.65 8.36
C LEU A 264 3.82 -10.27 9.32
N LEU A 265 2.80 -11.12 9.29
CA LEU A 265 1.63 -10.97 10.15
C LEU A 265 2.05 -10.78 11.59
N GLY A 266 3.00 -11.59 12.05
CA GLY A 266 3.45 -11.50 13.46
C GLY A 266 4.19 -10.22 13.77
N THR A 267 5.01 -9.76 12.83
CA THR A 267 5.75 -8.56 13.11
C THR A 267 4.81 -7.33 13.14
N LEU A 268 3.85 -7.32 12.21
CA LEU A 268 2.84 -6.25 12.18
C LEU A 268 2.13 -6.09 13.50
N VAL A 269 1.70 -7.19 14.09
CA VAL A 269 1.06 -7.10 15.40
C VAL A 269 2.00 -6.40 16.37
N GLN A 270 3.28 -6.82 16.42
CA GLN A 270 4.27 -6.21 17.36
C GLN A 270 4.41 -4.73 17.11
N LEU A 271 4.47 -4.39 15.82
CA LEU A 271 4.64 -3.01 15.43
C LEU A 271 3.51 -2.07 15.89
N LEU A 272 2.31 -2.62 16.12
CA LEU A 272 1.25 -1.81 16.70
C LEU A 272 1.65 -1.22 18.03
N GLY A 273 2.59 -1.88 18.72
CA GLY A 273 3.07 -1.42 20.03
C GLY A 273 3.96 -0.19 20.02
N SER A 274 4.32 0.25 18.80
CA SER A 274 5.37 1.20 18.59
C SER A 274 5.02 2.62 19.00
N ASP A 275 6.05 3.36 19.38
CA ASP A 275 5.90 4.76 19.72
C ASP A 275 5.73 5.58 18.48
N ASP A 276 6.07 5.01 17.34
CA ASP A 276 6.06 5.78 16.11
C ASP A 276 4.70 5.71 15.43
N ILE A 277 4.15 6.89 15.23
CA ILE A 277 2.80 7.11 14.73
C ILE A 277 2.59 6.59 13.30
N ASN A 278 3.59 6.78 12.44
CA ASN A 278 3.53 6.32 11.06
C ASN A 278 3.76 4.83 11.00
N VAL A 279 4.52 4.30 11.95
CA VAL A 279 4.66 2.86 12.09
C VAL A 279 3.32 2.23 12.44
N VAL A 280 2.65 2.75 13.47
CA VAL A 280 1.34 2.23 13.92
C VAL A 280 0.34 2.30 12.80
N THR A 281 0.27 3.48 12.16
CA THR A 281 -0.72 3.75 11.15
C THR A 281 -0.54 2.74 10.02
N CYS A 282 0.70 2.40 9.67
CA CYS A 282 0.87 1.50 8.53
C CYS A 282 0.55 0.07 8.92
N ALA A 283 0.96 -0.32 10.13
CA ALA A 283 0.79 -1.71 10.51
C ALA A 283 -0.71 -1.98 10.59
N ALA A 284 -1.45 -1.06 11.19
CA ALA A 284 -2.91 -1.22 11.21
C ALA A 284 -3.50 -1.27 9.81
N GLY A 285 -3.03 -0.40 8.91
CA GLY A 285 -3.64 -0.36 7.57
C GLY A 285 -3.30 -1.64 6.83
N ILE A 286 -2.10 -2.18 7.06
CA ILE A 286 -1.74 -3.40 6.38
C ILE A 286 -2.52 -4.60 6.92
N LEU A 287 -2.53 -4.76 8.23
CA LEU A 287 -3.32 -5.80 8.85
C LEU A 287 -4.80 -5.77 8.46
N SER A 288 -5.33 -4.57 8.29
CA SER A 288 -6.71 -4.40 7.89
C SER A 288 -6.93 -5.04 6.49
N ASN A 289 -6.10 -4.67 5.55
CA ASN A 289 -6.19 -5.18 4.18
C ASN A 289 -5.88 -6.66 4.06
N LEU A 290 -4.88 -7.14 4.78
CA LEU A 290 -4.46 -8.51 4.62
C LEU A 290 -5.44 -9.41 5.35
N THR A 291 -6.24 -8.80 6.20
CA THR A 291 -7.26 -9.59 6.85
C THR A 291 -8.62 -9.47 6.17
N CYS A 292 -8.78 -8.65 5.13
CA CYS A 292 -10.08 -8.64 4.42
C CYS A 292 -10.27 -10.00 3.65
N ASN A 293 -11.37 -10.71 3.89
CA ASN A 293 -11.67 -12.00 3.14
C ASN A 293 -10.86 -13.32 3.42
N ASN A 294 -9.53 -13.23 3.56
CA ASN A 294 -8.57 -14.36 3.85
C ASN A 294 -8.61 -14.92 5.29
N TYR A 295 -9.40 -15.96 5.55
CA TYR A 295 -9.58 -16.43 6.92
C TYR A 295 -8.35 -17.00 7.63
N LYS A 296 -7.35 -17.47 6.89
CA LYS A 296 -6.14 -17.94 7.54
C LYS A 296 -5.38 -16.79 8.18
N ASN A 297 -5.32 -15.68 7.45
CA ASN A 297 -4.72 -14.46 7.99
C ASN A 297 -5.44 -14.04 9.31
N LYS A 298 -6.76 -14.11 9.31
CA LYS A 298 -7.53 -13.87 10.53
C LYS A 298 -7.02 -14.76 11.63
N MET A 299 -6.94 -16.06 11.34
CA MET A 299 -6.47 -17.04 12.32
C MET A 299 -5.13 -16.62 12.90
N MET A 300 -4.15 -16.32 12.05
CA MET A 300 -2.80 -16.03 12.53
C MET A 300 -2.73 -14.78 13.35
N VAL A 301 -3.38 -13.72 12.90
CA VAL A 301 -3.37 -12.48 13.66
C VAL A 301 -4.05 -12.65 15.01
N CYS A 302 -5.11 -13.44 15.07
CA CYS A 302 -5.68 -13.75 16.39
C CYS A 302 -4.72 -14.58 17.21
N GLN A 303 -3.95 -15.45 16.56
CA GLN A 303 -3.07 -16.36 17.33
C GLN A 303 -1.92 -15.72 18.03
N VAL A 304 -1.44 -14.62 17.45
CA VAL A 304 -0.33 -13.89 18.05
C VAL A 304 -0.78 -12.71 18.90
N GLY A 305 -2.07 -12.64 19.25
CA GLY A 305 -2.52 -11.63 20.20
C GLY A 305 -2.97 -10.36 19.53
N GLY A 306 -3.55 -10.46 18.34
CA GLY A 306 -3.82 -9.29 17.51
C GLY A 306 -4.97 -8.46 18.03
N ILE A 307 -5.94 -9.13 18.68
CA ILE A 307 -7.10 -8.45 19.20
C ILE A 307 -6.65 -7.51 20.31
N GLU A 308 -6.00 -8.07 21.33
CA GLU A 308 -5.27 -7.30 22.35
C GLU A 308 -4.54 -6.10 21.77
N ALA A 309 -3.65 -6.34 20.80
CA ALA A 309 -2.83 -5.24 20.28
C ALA A 309 -3.67 -4.16 19.57
N LEU A 310 -4.70 -4.59 18.82
CA LEU A 310 -5.54 -3.67 18.06
C LEU A 310 -6.41 -2.81 18.98
N VAL A 311 -6.76 -3.39 20.13
CA VAL A 311 -7.56 -2.68 21.10
C VAL A 311 -6.70 -1.62 21.81
N ARG A 312 -5.52 -2.03 22.25
CA ARG A 312 -4.58 -1.11 22.87
C ARG A 312 -4.31 0.03 21.92
N THR A 313 -4.16 -0.29 20.65
CA THR A 313 -3.93 0.76 19.66
C THR A 313 -5.11 1.68 19.54
N VAL A 314 -6.32 1.13 19.46
CA VAL A 314 -7.51 2.01 19.40
C VAL A 314 -7.57 2.88 20.68
N LEU A 315 -7.43 2.26 21.85
CA LEU A 315 -7.43 3.04 23.09
C LEU A 315 -6.35 4.11 23.06
N ARG A 316 -5.14 3.81 22.62
CA ARG A 316 -4.09 4.85 22.62
C ARG A 316 -4.27 5.92 21.58
N ALA A 317 -4.85 5.57 20.44
CA ALA A 317 -5.05 6.57 19.39
C ALA A 317 -6.03 7.69 19.74
N GLY A 318 -6.89 7.46 20.74
CA GLY A 318 -7.88 8.49 21.04
C GLY A 318 -8.61 8.83 19.78
N ASP A 319 -8.42 10.05 19.27
CA ASP A 319 -9.28 10.57 18.19
C ASP A 319 -8.58 10.79 16.84
N ARG A 320 -7.40 10.21 16.75
CA ARG A 320 -6.60 10.17 15.54
C ARG A 320 -7.21 9.10 14.65
N GLU A 321 -8.00 9.53 13.68
CA GLU A 321 -8.69 8.61 12.82
C GLU A 321 -7.83 7.87 11.81
N ASP A 322 -6.57 8.29 11.61
CA ASP A 322 -5.70 7.59 10.66
C ASP A 322 -5.28 6.31 11.30
N ILE A 323 -5.31 6.29 12.62
CA ILE A 323 -5.07 5.05 13.32
C ILE A 323 -6.34 4.23 13.57
N THR A 324 -7.40 4.86 14.07
CA THR A 324 -8.51 4.06 14.62
C THR A 324 -9.32 3.46 13.50
N GLU A 325 -9.49 4.20 12.42
CA GLU A 325 -10.25 3.67 11.33
C GLU A 325 -9.71 2.31 10.78
N PRO A 326 -8.44 2.22 10.37
CA PRO A 326 -7.97 0.91 9.93
C PRO A 326 -7.89 -0.17 11.06
N ALA A 327 -7.69 0.24 12.31
CA ALA A 327 -7.59 -0.68 13.43
C ALA A 327 -8.97 -1.23 13.73
N ILE A 328 -9.96 -0.34 13.64
CA ILE A 328 -11.35 -0.79 13.78
C ILE A 328 -11.74 -1.73 12.60
N CYS A 329 -11.34 -1.39 11.37
CA CYS A 329 -11.59 -2.29 10.21
C CYS A 329 -10.94 -3.66 10.40
N ALA A 330 -9.73 -3.66 10.90
CA ALA A 330 -9.08 -4.93 11.22
C ALA A 330 -9.85 -5.74 12.26
N LEU A 331 -10.24 -5.09 13.34
CA LEU A 331 -11.01 -5.73 14.37
C LEU A 331 -12.32 -6.26 13.80
N ARG A 332 -12.91 -5.49 12.90
CA ARG A 332 -14.10 -5.97 12.27
C ARG A 332 -13.81 -7.28 11.52
N HIS A 333 -12.72 -7.34 10.77
CA HIS A 333 -12.41 -8.56 10.00
C HIS A 333 -12.14 -9.68 10.95
N LEU A 334 -11.55 -9.39 12.10
CA LEU A 334 -11.08 -10.45 12.92
C LEU A 334 -12.20 -11.02 13.74
N THR A 335 -13.36 -10.36 13.71
CA THR A 335 -14.47 -10.79 14.57
C THR A 335 -15.60 -11.44 13.78
N SER A 336 -15.29 -11.90 12.56
CA SER A 336 -16.26 -12.75 11.85
C SER A 336 -15.63 -13.80 10.91
N ARG A 337 -16.33 -14.94 10.81
CA ARG A 337 -16.14 -15.87 9.69
C ARG A 337 -14.72 -16.45 9.67
N HIS A 338 -14.34 -17.03 10.80
CA HIS A 338 -13.11 -17.82 10.91
C HIS A 338 -13.20 -18.62 12.14
N GLN A 339 -12.33 -19.62 12.25
CA GLN A 339 -12.51 -20.66 13.28
C GLN A 339 -12.63 -20.08 14.70
N GLU A 340 -11.88 -19.00 14.97
CA GLU A 340 -11.81 -18.37 16.30
C GLU A 340 -12.44 -16.98 16.35
N ALA A 341 -13.35 -16.68 15.44
CA ALA A 341 -14.15 -15.43 15.50
C ALA A 341 -14.77 -15.27 16.89
N GLU A 342 -15.26 -16.37 17.45
CA GLU A 342 -16.04 -16.29 18.68
C GLU A 342 -15.14 -15.83 19.86
N MET A 343 -13.97 -16.44 19.97
CA MET A 343 -12.94 -16.06 20.92
C MET A 343 -12.51 -14.62 20.69
N ALA A 344 -12.44 -14.24 19.42
CA ALA A 344 -12.07 -12.85 19.14
C ALA A 344 -13.21 -11.87 19.52
N GLN A 345 -14.48 -12.25 19.32
CA GLN A 345 -15.58 -11.39 19.79
C GLN A 345 -15.54 -11.17 21.30
N ASN A 346 -15.31 -12.23 22.06
CA ASN A 346 -15.10 -12.13 23.49
C ASN A 346 -13.92 -11.29 23.86
N ALA A 347 -12.79 -11.51 23.19
CA ALA A 347 -11.56 -10.86 23.56
C ALA A 347 -11.65 -9.33 23.48
N VAL A 348 -12.43 -8.80 22.55
CA VAL A 348 -12.56 -7.35 22.49
C VAL A 348 -13.15 -6.84 23.82
N ARG A 349 -14.20 -7.51 24.30
CA ARG A 349 -14.74 -7.20 25.61
C ARG A 349 -13.72 -7.40 26.75
N LEU A 350 -13.01 -8.54 26.72
CA LEU A 350 -12.09 -8.89 27.81
C LEU A 350 -10.95 -7.92 27.92
N HIS A 351 -10.56 -7.28 26.82
CA HIS A 351 -9.50 -6.25 26.91
C HIS A 351 -10.10 -4.90 26.95
N TYR A 352 -11.30 -4.75 27.52
CA TYR A 352 -11.82 -3.40 27.75
C TYR A 352 -12.13 -2.60 26.45
N GLY A 353 -12.38 -3.31 25.34
CA GLY A 353 -12.74 -2.65 24.07
C GLY A 353 -14.11 -2.05 23.86
N LEU A 354 -15.11 -2.59 24.56
CA LEU A 354 -16.49 -2.20 24.27
C LEU A 354 -16.82 -0.73 24.48
N PRO A 355 -16.34 -0.12 25.57
CA PRO A 355 -16.64 1.33 25.74
C PRO A 355 -16.03 2.22 24.69
N VAL A 356 -14.76 1.98 24.33
CA VAL A 356 -14.14 2.78 23.24
C VAL A 356 -14.82 2.54 21.87
N VAL A 357 -15.16 1.30 21.55
CA VAL A 357 -15.92 1.08 20.30
C VAL A 357 -17.22 1.88 20.23
N VAL A 358 -18.04 1.83 21.26
CA VAL A 358 -19.27 2.65 21.22
C VAL A 358 -18.98 4.13 21.18
N LYS A 359 -18.00 4.58 21.94
CA LYS A 359 -17.57 5.99 21.83
C LYS A 359 -17.32 6.48 20.41
N LEU A 360 -16.74 5.61 19.58
CA LEU A 360 -16.32 5.98 18.22
C LEU A 360 -17.48 6.25 17.28
N LEU A 361 -18.66 5.78 17.66
CA LEU A 361 -19.92 6.18 17.04
C LEU A 361 -20.29 7.68 17.14
N HIS A 362 -19.66 8.42 18.08
CA HIS A 362 -19.98 9.84 18.39
C HIS A 362 -19.00 10.83 17.80
N PRO A 363 -19.45 12.07 17.55
CA PRO A 363 -18.52 13.13 17.11
C PRO A 363 -17.32 13.16 18.05
N PRO A 364 -16.12 13.51 17.57
CA PRO A 364 -15.84 14.09 16.23
C PRO A 364 -15.65 13.08 15.07
N SER A 365 -15.95 11.79 15.29
CA SER A 365 -15.70 10.74 14.29
C SER A 365 -16.36 11.06 13.00
N HIS A 366 -15.63 10.84 11.91
CA HIS A 366 -16.10 11.08 10.54
C HIS A 366 -16.67 9.81 10.04
N TRP A 367 -17.40 9.87 8.94
CA TRP A 367 -18.09 8.71 8.37
C TRP A 367 -17.32 7.41 8.12
N PRO A 368 -16.10 7.48 7.62
CA PRO A 368 -15.55 6.15 7.30
C PRO A 368 -15.35 5.36 8.58
N LEU A 369 -14.92 6.08 9.64
CA LEU A 369 -14.73 5.49 10.94
C LEU A 369 -16.05 4.95 11.51
N ILE A 370 -17.12 5.70 11.34
CA ILE A 370 -18.37 5.35 11.94
C ILE A 370 -18.88 4.08 11.27
N LYS A 371 -18.74 4.03 9.96
CA LYS A 371 -19.16 2.84 9.18
C LYS A 371 -18.41 1.61 9.65
N ALA A 372 -17.09 1.75 9.79
CA ALA A 372 -16.27 0.64 10.20
C ALA A 372 -16.69 0.17 11.60
N THR A 373 -16.93 1.14 12.50
CA THR A 373 -17.31 0.88 13.88
C THR A 373 -18.68 0.23 14.00
N VAL A 374 -19.62 0.68 13.21
CA VAL A 374 -20.91 -0.01 13.18
C VAL A 374 -20.73 -1.47 12.74
N GLY A 375 -19.96 -1.67 11.68
CA GLY A 375 -19.59 -3.02 11.20
C GLY A 375 -18.99 -3.84 12.33
N LEU A 376 -18.03 -3.27 13.05
CA LEU A 376 -17.48 -3.96 14.19
C LEU A 376 -18.53 -4.30 15.24
N ILE A 377 -19.47 -3.40 15.53
CA ILE A 377 -20.46 -3.69 16.55
C ILE A 377 -21.42 -4.82 16.13
N ARG A 378 -21.86 -4.77 14.88
CA ARG A 378 -22.57 -5.88 14.27
C ARG A 378 -21.94 -7.25 14.66
N ASN A 379 -20.65 -7.39 14.36
CA ASN A 379 -19.93 -8.60 14.69
C ASN A 379 -19.76 -8.86 16.18
N LEU A 380 -19.48 -7.83 16.96
CA LEU A 380 -19.37 -8.09 18.40
C LEU A 380 -20.67 -8.65 18.97
N ALA A 381 -21.79 -8.20 18.42
CA ALA A 381 -23.09 -8.64 18.89
C ALA A 381 -23.41 -10.15 18.62
N LEU A 382 -22.64 -10.83 17.77
CA LEU A 382 -22.93 -12.23 17.47
C LEU A 382 -22.60 -13.07 18.71
N CYS A 383 -21.87 -12.48 19.66
CA CYS A 383 -21.46 -13.14 20.88
C CYS A 383 -22.43 -12.77 22.01
N PRO A 384 -23.23 -13.74 22.44
CA PRO A 384 -24.26 -13.51 23.47
C PRO A 384 -23.77 -12.69 24.69
N ALA A 385 -22.53 -12.89 25.11
CA ALA A 385 -22.03 -12.24 26.31
C ALA A 385 -21.64 -10.76 26.03
N ASN A 386 -21.83 -10.29 24.80
CA ASN A 386 -21.64 -8.89 24.45
C ASN A 386 -22.98 -8.17 24.44
N HIS A 387 -24.07 -8.85 24.57
CA HIS A 387 -25.38 -8.26 24.42
C HIS A 387 -25.59 -7.23 25.47
N ALA A 388 -25.41 -7.68 26.65
CA ALA A 388 -25.64 -6.80 27.77
C ALA A 388 -24.68 -5.62 27.84
N PRO A 389 -23.36 -5.85 27.67
CA PRO A 389 -22.47 -4.67 27.84
C PRO A 389 -22.63 -3.68 26.69
N LEU A 390 -22.93 -4.15 25.49
CA LEU A 390 -23.14 -3.18 24.40
C LEU A 390 -24.34 -2.31 24.68
N ARG A 391 -25.39 -2.91 25.28
CA ARG A 391 -26.58 -2.20 25.63
C ARG A 391 -26.19 -1.18 26.73
N GLU A 392 -25.46 -1.63 27.74
CA GLU A 392 -25.10 -0.79 28.88
C GLU A 392 -24.18 0.35 28.46
N GLN A 393 -23.30 0.09 27.48
CA GLN A 393 -22.47 1.15 26.97
C GLN A 393 -23.18 2.17 26.09
N GLY A 394 -24.48 2.03 25.85
CA GLY A 394 -25.11 3.05 25.01
C GLY A 394 -25.19 2.82 23.51
N ALA A 395 -25.02 1.56 23.04
CA ALA A 395 -24.91 1.31 21.57
C ALA A 395 -26.20 1.53 20.83
N ILE A 396 -27.31 1.11 21.43
CA ILE A 396 -28.58 1.12 20.74
C ILE A 396 -29.09 2.53 20.38
N PRO A 397 -29.26 3.44 21.35
CA PRO A 397 -29.75 4.77 20.97
C PRO A 397 -28.91 5.46 19.92
N ARG A 398 -27.58 5.29 19.94
CA ARG A 398 -26.76 6.00 18.94
C ARG A 398 -26.91 5.36 17.54
N LEU A 399 -26.89 4.10 17.58
CA LEU A 399 -27.16 3.39 16.34
C LEU A 399 -28.48 3.80 15.76
N VAL A 400 -29.49 3.88 16.55
CA VAL A 400 -30.78 4.25 16.03
C VAL A 400 -30.71 5.68 15.52
N GLN A 401 -30.05 6.58 16.24
CA GLN A 401 -29.95 7.97 15.74
C GLN A 401 -29.17 8.07 14.45
N LEU A 402 -28.11 7.29 14.35
CA LEU A 402 -27.34 7.28 13.11
C LEU A 402 -28.24 6.74 12.01
N LEU A 403 -29.03 5.70 12.33
CA LEU A 403 -29.97 5.12 11.32
C LEU A 403 -31.01 6.13 10.82
N VAL A 404 -31.62 6.85 11.75
CA VAL A 404 -32.72 7.75 11.47
C VAL A 404 -32.20 8.92 10.63
N ARG A 405 -31.10 9.49 11.05
CA ARG A 405 -30.55 10.61 10.33
C ARG A 405 -30.14 10.18 8.92
N ALA A 406 -29.48 9.03 8.82
CA ALA A 406 -29.00 8.58 7.51
C ALA A 406 -30.19 8.19 6.62
N HIS A 407 -31.27 7.69 7.21
CA HIS A 407 -32.37 7.38 6.30
C HIS A 407 -32.96 8.65 5.73
N GLN A 408 -33.00 9.72 6.55
CA GLN A 408 -33.45 11.04 6.12
C GLN A 408 -32.59 11.55 4.95
N ASP A 409 -31.27 11.51 5.13
CA ASP A 409 -30.39 11.96 4.08
C ASP A 409 -30.62 11.22 2.75
N THR A 410 -30.90 9.92 2.81
CA THR A 410 -31.32 9.09 1.65
C THR A 410 -32.53 9.60 0.89
N GLN A 411 -33.64 9.80 1.60
CA GLN A 411 -34.91 10.33 1.09
C GLN A 411 -34.91 11.70 0.37
N ARG A 412 -34.37 12.72 1.03
CA ARG A 412 -34.38 14.09 0.53
C ARG A 412 -33.18 14.35 -0.38
N ARG A 413 -33.34 14.08 -1.70
CA ARG A 413 -32.29 14.37 -2.69
C ARG A 413 -32.84 14.95 -4.02
N VAL A 424 -21.73 11.29 0.54
CA VAL A 424 -21.27 12.42 1.34
C VAL A 424 -19.74 12.40 1.25
N GLU A 425 -19.06 12.12 2.37
CA GLU A 425 -17.58 12.13 2.44
C GLU A 425 -16.93 10.75 2.20
N GLY A 426 -17.08 10.29 0.95
CA GLY A 426 -16.63 8.96 0.51
C GLY A 426 -17.57 7.82 0.90
N VAL A 427 -18.59 8.06 1.72
CA VAL A 427 -19.52 6.97 2.06
C VAL A 427 -20.95 7.40 1.74
N ARG A 428 -21.73 6.46 1.22
CA ARG A 428 -23.13 6.71 0.82
C ARG A 428 -24.07 6.39 2.02
N MET A 429 -24.98 7.30 2.34
CA MET A 429 -25.77 7.14 3.57
C MET A 429 -26.47 5.78 3.61
N GLU A 430 -26.74 5.25 2.41
CA GLU A 430 -27.34 3.94 2.19
C GLU A 430 -26.56 2.85 2.86
N GLU A 431 -25.25 3.05 3.02
CA GLU A 431 -24.41 2.08 3.74
C GLU A 431 -24.49 2.19 5.23
N ILE A 432 -24.72 3.41 5.72
CA ILE A 432 -24.99 3.63 7.14
C ILE A 432 -26.35 3.04 7.50
N VAL A 433 -27.35 3.20 6.62
CA VAL A 433 -28.64 2.61 6.83
C VAL A 433 -28.53 1.09 7.00
N GLU A 434 -27.76 0.44 6.12
CA GLU A 434 -27.68 -1.04 6.12
C GLU A 434 -26.87 -1.48 7.32
N GLY A 435 -25.74 -0.78 7.55
CA GLY A 435 -24.84 -1.12 8.63
C GLY A 435 -25.60 -1.05 9.97
N CYS A 436 -26.32 0.05 10.19
CA CYS A 436 -27.00 0.27 11.48
C CYS A 436 -28.16 -0.68 11.64
N THR A 437 -28.93 -0.86 10.58
CA THR A 437 -30.01 -1.85 10.66
C THR A 437 -29.43 -3.27 10.86
N GLY A 438 -28.25 -3.52 10.30
CA GLY A 438 -27.61 -4.85 10.41
C GLY A 438 -27.20 -5.11 11.85
N ALA A 439 -26.56 -4.12 12.43
CA ALA A 439 -26.19 -4.21 13.83
C ALA A 439 -27.42 -4.40 14.74
N LEU A 440 -28.48 -3.64 14.47
CA LEU A 440 -29.65 -3.80 15.32
C LEU A 440 -30.27 -5.20 15.19
N HIS A 441 -30.27 -5.77 13.97
CA HIS A 441 -30.77 -7.14 13.69
C HIS A 441 -30.11 -8.11 14.63
N ILE A 442 -28.79 -8.02 14.76
CA ILE A 442 -28.06 -8.94 15.65
C ILE A 442 -28.35 -8.60 17.12
N LEU A 443 -28.33 -7.32 17.47
CA LEU A 443 -28.52 -6.96 18.85
C LEU A 443 -29.88 -7.45 19.34
N ALA A 444 -30.84 -7.42 18.43
CA ALA A 444 -32.19 -7.83 18.74
C ALA A 444 -32.39 -9.32 19.14
N ARG A 445 -31.33 -10.11 19.21
CA ARG A 445 -31.51 -11.50 19.67
C ARG A 445 -31.73 -11.56 21.16
N ASP A 446 -31.38 -10.49 21.85
CA ASP A 446 -31.49 -10.45 23.32
C ASP A 446 -32.82 -9.81 23.66
N VAL A 447 -33.54 -10.37 24.60
CA VAL A 447 -34.88 -9.83 24.87
C VAL A 447 -34.85 -8.38 25.42
N HIS A 448 -33.89 -8.04 26.25
CA HIS A 448 -33.80 -6.64 26.77
C HIS A 448 -33.48 -5.62 25.71
N ASN A 449 -32.63 -6.00 24.76
CA ASN A 449 -32.32 -5.20 23.63
C ASN A 449 -33.57 -4.90 22.79
N ARG A 450 -34.42 -5.90 22.61
CA ARG A 450 -35.69 -5.73 21.86
C ARG A 450 -36.59 -4.69 22.52
N ILE A 451 -36.59 -4.68 23.85
CA ILE A 451 -37.38 -3.71 24.59
C ILE A 451 -36.86 -2.29 24.32
N VAL A 452 -35.56 -2.10 24.41
CA VAL A 452 -34.97 -0.80 24.17
C VAL A 452 -35.23 -0.39 22.73
N ILE A 453 -34.98 -1.30 21.78
CA ILE A 453 -35.20 -0.99 20.35
C ILE A 453 -36.68 -0.57 20.10
N ARG A 454 -37.62 -1.31 20.67
CA ARG A 454 -39.05 -1.00 20.59
C ARG A 454 -39.41 0.35 21.24
N GLY A 455 -38.88 0.61 22.43
CA GLY A 455 -39.12 1.88 23.11
C GLY A 455 -38.68 3.09 22.30
N LEU A 456 -37.69 2.91 21.41
CA LEU A 456 -37.16 4.01 20.61
C LEU A 456 -38.03 4.26 19.36
N ASN A 457 -39.17 3.57 19.34
CA ASN A 457 -40.15 3.70 18.29
C ASN A 457 -39.55 3.54 16.84
N THR A 458 -38.83 2.44 16.64
CA THR A 458 -38.08 2.18 15.40
C THR A 458 -38.91 1.40 14.37
N ILE A 459 -39.97 0.78 14.87
CA ILE A 459 -40.81 -0.08 14.01
C ILE A 459 -41.30 0.67 12.74
N PRO A 460 -41.82 1.90 12.92
CA PRO A 460 -42.22 2.58 11.67
C PRO A 460 -41.06 2.72 10.73
N LEU A 461 -39.88 3.05 11.24
CA LEU A 461 -38.78 3.20 10.32
C LEU A 461 -38.42 1.83 9.62
N PHE A 462 -38.44 0.73 10.38
CA PHE A 462 -38.05 -0.58 9.86
C PHE A 462 -38.99 -1.02 8.75
N VAL A 463 -40.29 -0.97 9.00
CA VAL A 463 -41.29 -1.06 7.93
C VAL A 463 -41.06 -0.17 6.65
N GLN A 464 -40.79 1.12 6.80
CA GLN A 464 -40.45 1.93 5.61
C GLN A 464 -39.28 1.33 4.83
N LEU A 465 -38.29 0.81 5.55
CA LEU A 465 -37.09 0.24 4.96
C LEU A 465 -37.38 -1.02 4.14
N LEU A 466 -38.58 -1.57 4.26
CA LEU A 466 -38.96 -2.69 3.43
C LEU A 466 -39.10 -2.26 1.97
N TYR A 467 -39.47 -0.99 1.76
CA TYR A 467 -39.61 -0.41 0.43
C TYR A 467 -38.28 0.02 -0.17
N SER A 468 -37.17 -0.15 0.51
CA SER A 468 -35.88 0.29 -0.08
C SER A 468 -35.66 -0.39 -1.44
N PRO A 469 -35.03 0.33 -2.42
CA PRO A 469 -34.56 -0.35 -3.65
C PRO A 469 -33.44 -1.38 -3.43
N ILE A 470 -32.66 -1.20 -2.37
CA ILE A 470 -31.45 -2.00 -2.13
C ILE A 470 -31.78 -3.26 -1.34
N GLU A 471 -31.48 -4.42 -1.92
CA GLU A 471 -31.86 -5.68 -1.32
C GLU A 471 -31.25 -5.90 0.05
N ASN A 472 -29.99 -5.51 0.19
CA ASN A 472 -29.33 -5.72 1.48
C ASN A 472 -30.01 -4.98 2.63
N ILE A 473 -30.69 -3.86 2.32
CA ILE A 473 -31.43 -3.12 3.29
C ILE A 473 -32.76 -3.77 3.58
N GLN A 474 -33.43 -4.27 2.54
CA GLN A 474 -34.63 -5.05 2.79
C GLN A 474 -34.31 -6.22 3.68
N ARG A 475 -33.15 -6.81 3.51
CA ARG A 475 -32.85 -8.03 4.25
C ARG A 475 -32.72 -7.75 5.77
N VAL A 476 -31.89 -6.80 6.12
CA VAL A 476 -31.70 -6.51 7.55
C VAL A 476 -32.98 -5.96 8.17
N ALA A 477 -33.77 -5.23 7.35
CA ALA A 477 -35.00 -4.64 7.91
C ALA A 477 -35.96 -5.72 8.20
N ALA A 478 -36.02 -6.71 7.33
CA ALA A 478 -36.97 -7.77 7.55
C ALA A 478 -36.39 -8.64 8.61
N GLY A 479 -35.06 -8.80 8.61
CA GLY A 479 -34.43 -9.59 9.68
C GLY A 479 -34.71 -9.02 11.09
N VAL A 480 -34.50 -7.70 11.27
CA VAL A 480 -34.73 -7.15 12.60
C VAL A 480 -36.21 -7.20 13.00
N LEU A 481 -37.12 -6.98 12.05
CA LEU A 481 -38.56 -7.08 12.33
C LEU A 481 -38.84 -8.51 12.71
N CYS A 482 -38.18 -9.44 12.05
CA CYS A 482 -38.35 -10.85 12.37
C CYS A 482 -37.98 -11.12 13.81
N GLU A 483 -36.84 -10.57 14.26
CA GLU A 483 -36.49 -10.66 15.69
C GLU A 483 -37.48 -9.97 16.63
N LEU A 484 -37.91 -8.76 16.28
CA LEU A 484 -38.92 -8.11 17.11
C LEU A 484 -40.26 -8.88 17.19
N ALA A 485 -40.64 -9.55 16.09
CA ALA A 485 -42.01 -10.11 15.95
C ALA A 485 -42.20 -11.34 16.79
N GLN A 486 -41.13 -11.81 17.42
CA GLN A 486 -41.30 -12.91 18.36
C GLN A 486 -41.96 -12.47 19.66
N ASP A 487 -42.05 -11.18 19.91
CA ASP A 487 -42.77 -10.74 21.10
C ASP A 487 -44.13 -10.28 20.64
N LYS A 488 -45.18 -10.77 21.33
CA LYS A 488 -46.57 -10.63 20.90
C LYS A 488 -46.91 -9.16 20.64
N GLU A 489 -46.63 -8.32 21.62
CA GLU A 489 -46.88 -6.86 21.58
C GLU A 489 -46.23 -6.20 20.32
N ALA A 490 -45.01 -6.65 19.98
CA ALA A 490 -44.31 -6.10 18.84
C ALA A 490 -44.88 -6.62 17.53
N ALA A 491 -45.28 -7.88 17.52
CA ALA A 491 -45.98 -8.43 16.34
C ALA A 491 -47.24 -7.60 16.00
N GLU A 492 -48.06 -7.33 17.01
CA GLU A 492 -49.21 -6.41 16.89
C GLU A 492 -48.79 -5.03 16.31
N ALA A 493 -47.78 -4.41 16.93
CA ALA A 493 -47.27 -3.14 16.41
C ALA A 493 -46.88 -3.25 14.94
N ILE A 494 -46.17 -4.31 14.58
CA ILE A 494 -45.65 -4.44 13.24
C ILE A 494 -46.84 -4.54 12.26
N GLU A 495 -47.87 -5.28 12.66
CA GLU A 495 -49.04 -5.29 11.81
C GLU A 495 -49.66 -3.92 11.67
N ALA A 496 -49.75 -3.20 12.78
CA ALA A 496 -50.46 -1.93 12.77
C ALA A 496 -49.74 -0.96 11.87
N GLU A 497 -48.47 -1.22 11.57
CA GLU A 497 -47.76 -0.38 10.60
C GLU A 497 -48.10 -0.65 9.14
N GLY A 498 -48.90 -1.67 8.88
CA GLY A 498 -49.21 -2.06 7.51
C GLY A 498 -48.06 -2.85 6.90
N ALA A 499 -47.47 -3.77 7.65
CA ALA A 499 -46.25 -4.42 7.19
C ALA A 499 -46.60 -5.56 6.23
N THR A 500 -47.77 -6.14 6.44
CA THR A 500 -48.31 -7.23 5.61
C THR A 500 -48.15 -7.01 4.12
N ALA A 501 -48.61 -5.88 3.62
CA ALA A 501 -48.49 -5.59 2.21
C ALA A 501 -47.04 -5.62 1.67
N PRO A 502 -46.09 -4.86 2.28
CA PRO A 502 -44.75 -4.96 1.64
C PRO A 502 -44.03 -6.29 1.90
N LEU A 503 -44.22 -6.87 3.09
CA LEU A 503 -43.65 -8.18 3.31
C LEU A 503 -44.17 -9.14 2.24
N THR A 504 -45.40 -8.90 1.76
CA THR A 504 -46.09 -9.81 0.83
C THR A 504 -45.41 -9.81 -0.53
N GLU A 505 -45.03 -8.64 -1.01
CA GLU A 505 -44.25 -8.51 -2.25
C GLU A 505 -42.85 -9.09 -2.11
N LEU A 506 -42.25 -8.93 -0.93
CA LEU A 506 -40.89 -9.39 -0.68
C LEU A 506 -40.80 -10.89 -0.56
N LEU A 507 -41.94 -11.57 -0.39
CA LEU A 507 -41.92 -13.05 -0.42
C LEU A 507 -41.38 -13.57 -1.76
N HIS A 508 -41.29 -12.68 -2.74
CA HIS A 508 -40.92 -13.00 -4.09
C HIS A 508 -39.62 -12.42 -4.51
N SER A 509 -38.83 -11.96 -3.53
CA SER A 509 -37.54 -11.34 -3.79
C SER A 509 -36.57 -12.36 -4.39
N ARG A 510 -35.75 -11.94 -5.35
CA ARG A 510 -34.67 -12.81 -5.88
C ARG A 510 -33.68 -13.21 -4.77
N ASN A 511 -33.59 -12.36 -3.76
CA ASN A 511 -32.72 -12.59 -2.62
C ASN A 511 -33.44 -13.45 -1.59
N GLU A 512 -32.89 -14.63 -1.29
CA GLU A 512 -33.55 -15.59 -0.40
C GLU A 512 -33.49 -15.19 1.04
N GLY A 513 -32.53 -14.34 1.38
CA GLY A 513 -32.48 -13.75 2.70
C GLY A 513 -33.73 -12.95 2.94
N VAL A 514 -34.07 -12.07 1.98
CA VAL A 514 -35.27 -11.24 2.08
C VAL A 514 -36.58 -12.03 2.15
N ALA A 515 -36.70 -13.02 1.27
CA ALA A 515 -37.93 -13.84 1.15
C ALA A 515 -38.18 -14.60 2.44
N THR A 516 -37.11 -15.13 3.03
CA THR A 516 -37.25 -16.04 4.19
C THR A 516 -37.66 -15.28 5.45
N TYR A 517 -37.04 -14.11 5.68
CA TYR A 517 -37.36 -13.27 6.86
C TYR A 517 -38.78 -12.78 6.73
N ALA A 518 -39.11 -12.35 5.50
CA ALA A 518 -40.45 -11.83 5.25
C ALA A 518 -41.56 -12.82 5.59
N ALA A 519 -41.30 -14.11 5.39
CA ALA A 519 -42.26 -15.18 5.77
C ALA A 519 -42.23 -15.50 7.25
N ALA A 520 -41.08 -15.32 7.90
CA ALA A 520 -41.06 -15.54 9.33
C ALA A 520 -41.87 -14.42 10.01
N VAL A 521 -41.67 -13.17 9.56
CA VAL A 521 -42.43 -12.03 10.17
C VAL A 521 -43.94 -12.28 9.99
N LEU A 522 -44.32 -12.51 8.73
CA LEU A 522 -45.70 -12.85 8.35
C LEU A 522 -46.32 -13.96 9.18
N PHE A 523 -45.54 -15.00 9.48
CA PHE A 523 -46.02 -16.14 10.23
C PHE A 523 -46.29 -15.74 11.67
N ARG A 524 -45.44 -14.87 12.23
CA ARG A 524 -45.57 -14.43 13.62
C ARG A 524 -46.70 -13.43 13.82
N MET A 525 -47.02 -12.70 12.76
CA MET A 525 -48.17 -11.80 12.77
C MET A 525 -49.55 -12.50 12.69
N SER A 526 -49.74 -13.39 11.72
CA SER A 526 -51.01 -14.11 11.62
C SER A 526 -51.06 -15.41 12.44
N GLU A 527 -50.82 -15.32 13.74
CA GLU A 527 -51.05 -16.46 14.64
C GLU A 527 -52.40 -16.34 15.36
N ASP A 528 -53.17 -15.32 14.94
CA ASP A 528 -54.39 -14.86 15.61
C ASP A 528 -55.61 -15.71 15.24
N PRO B . -7.50 12.27 13.00
CA PRO B . -6.59 11.92 11.91
C PRO B . -5.19 11.52 12.40
O PRO B . -4.92 10.36 12.70
CB PRO B . -6.53 13.21 11.05
CG PRO B . -7.52 14.17 11.68
CD PRO B . -8.39 13.39 12.63
OXT PRO B . -4.27 12.33 12.51
N PRO C . -21.60 12.31 11.17
CA PRO C . -21.15 13.66 11.44
C PRO C . -19.97 14.13 10.57
O PRO C . -19.16 13.35 10.07
CB PRO C . -20.76 13.56 12.92
CG PRO C . -21.68 12.51 13.47
CD PRO C . -22.36 11.80 12.33
OXT PRO C . -19.78 15.34 10.36
#